data_4DE5
#
_entry.id   4DE5
#
_cell.length_a   48.480
_cell.length_b   71.040
_cell.length_c   82.020
_cell.angle_alpha   90.00
_cell.angle_beta   99.56
_cell.angle_gamma   90.00
#
_symmetry.space_group_name_H-M   'P 1 21 1'
#
loop_
_entity.id
_entity.type
_entity.pdbx_description
1 polymer 'Pantothenate synthetase'
2 non-polymer '(2S)-2,3-dihydro-1,4-benzodioxine-2-carboxylic acid'
3 non-polymer GLYCEROL
4 non-polymer ETHANOL
5 non-polymer 1,2-ETHANEDIOL
6 water water
#
_entity_poly.entity_id   1
_entity_poly.type   'polypeptide(L)'
_entity_poly.pdbx_seq_one_letter_code
;MAIPAFHPGELNVYSAPGDVADVSRALRLTGRRVMLVPTMGALHEGHLALVRAAKRVPGSVVVVSIFVNPMQFGAGGDLD
AYPRTPDDDLAQLRAEGVEIAFTPTTAAMYPDGLRTTVQPGPLAAELEGGPRPTHFAGVLTVVLKLLQIVRPDRVFFGEK
DYQQLVLIRQLVADFNLDVAVVGVPTVREADGLAMSSRNRYLDPAQRAAAVALSAALTAAAHAATAGAQAALDAARAVLD
AAPGVAVDYLELRDIGLGPMPLNGSGRLLVAARLGTTRLLDNIAIEIGTFAGTDRPDGYRA
;
_entity_poly.pdbx_strand_id   A,B
#
loop_
_chem_comp.id
_chem_comp.type
_chem_comp.name
_chem_comp.formula
0JD non-polymer '(2S)-2,3-dihydro-1,4-benzodioxine-2-carboxylic acid' 'C9 H8 O4'
EDO non-polymer 1,2-ETHANEDIOL 'C2 H6 O2'
EOH non-polymer ETHANOL 'C2 H6 O'
GOL non-polymer GLYCEROL 'C3 H8 O3'
#
# COMPACT_ATOMS: atom_id res chain seq x y z
N ILE A 3 11.54 9.04 -21.28
CA ILE A 3 10.61 10.14 -20.85
C ILE A 3 9.88 10.81 -22.04
N PRO A 4 8.67 11.37 -21.81
CA PRO A 4 8.05 12.31 -22.78
C PRO A 4 8.70 13.70 -22.63
N ALA A 5 8.24 14.73 -23.35
CA ALA A 5 8.86 16.07 -23.20
C ALA A 5 8.72 16.65 -21.78
N PHE A 6 9.75 17.39 -21.36
CA PHE A 6 9.73 18.24 -20.16
C PHE A 6 10.37 19.60 -20.41
N HIS A 7 9.53 20.62 -20.58
CA HIS A 7 9.98 21.99 -20.74
C HIS A 7 10.08 22.69 -19.36
N PRO A 8 11.32 22.99 -18.90
CA PRO A 8 11.48 23.64 -17.58
C PRO A 8 11.02 25.11 -17.55
N GLY A 9 10.75 25.61 -16.35
CA GLY A 9 10.23 26.97 -16.18
C GLY A 9 8.80 27.14 -16.67
N GLU A 10 8.30 26.10 -17.36
CA GLU A 10 6.91 26.05 -17.82
C GLU A 10 6.03 24.94 -17.14
N LEU A 11 4.73 25.08 -17.25
CA LEU A 11 3.85 24.07 -16.71
C LEU A 11 3.67 22.90 -17.71
N ASN A 12 4.19 21.73 -17.35
CA ASN A 12 4.02 20.48 -18.10
C ASN A 12 2.88 19.67 -17.52
N VAL A 13 1.84 19.42 -18.34
CA VAL A 13 0.67 18.64 -17.90
C VAL A 13 0.81 17.20 -18.44
N TYR A 14 0.86 16.21 -17.52
CA TYR A 14 0.83 14.78 -17.92
C TYR A 14 -0.41 14.09 -17.37
N SER A 15 -1.08 13.31 -18.24
N SER A 15 -1.07 13.30 -18.22
CA SER A 15 -2.23 12.52 -17.79
CA SER A 15 -2.22 12.50 -17.76
C SER A 15 -1.89 11.03 -17.53
C SER A 15 -1.86 11.04 -17.50
N ALA A 16 -0.94 10.48 -18.26
CA ALA A 16 -0.61 9.06 -18.11
C ALA A 16 0.29 8.86 -16.87
N PRO A 17 -0.08 7.93 -16.00
CA PRO A 17 0.84 7.67 -14.86
C PRO A 17 2.29 7.39 -15.29
N GLY A 18 2.46 6.58 -16.34
CA GLY A 18 3.77 6.26 -16.93
C GLY A 18 4.61 7.49 -17.28
N ASP A 19 4.00 8.50 -17.93
CA ASP A 19 4.73 9.74 -18.27
C ASP A 19 5.20 10.53 -17.03
N VAL A 20 4.34 10.71 -16.02
CA VAL A 20 4.83 11.46 -14.87
C VAL A 20 5.89 10.64 -14.11
N ALA A 21 5.79 9.31 -14.13
CA ALA A 21 6.69 8.46 -13.37
C ALA A 21 8.10 8.52 -13.99
N ASP A 22 8.13 8.52 -15.30
CA ASP A 22 9.36 8.57 -16.04
C ASP A 22 10.07 9.88 -15.89
N VAL A 23 9.31 10.98 -16.02
CA VAL A 23 9.82 12.32 -15.92
C VAL A 23 10.32 12.57 -14.49
N SER A 24 9.51 12.17 -13.49
CA SER A 24 9.89 12.18 -12.07
C SER A 24 11.20 11.45 -11.72
N ARG A 25 11.39 10.29 -12.31
CA ARG A 25 12.55 9.47 -12.05
C ARG A 25 13.79 10.16 -12.63
N ALA A 26 13.63 10.74 -13.81
CA ALA A 26 14.70 11.36 -14.54
C ALA A 26 15.13 12.56 -13.74
N LEU A 27 14.17 13.38 -13.27
CA LEU A 27 14.48 14.56 -12.44
C LEU A 27 15.21 14.15 -11.17
N ARG A 28 14.80 13.04 -10.58
CA ARG A 28 15.43 12.63 -9.35
C ARG A 28 16.84 12.03 -9.63
N LEU A 29 17.02 11.41 -10.79
CA LEU A 29 18.30 10.82 -11.14
C LEU A 29 19.30 11.91 -11.50
N THR A 30 18.81 13.14 -11.73
CA THR A 30 19.69 14.27 -11.96
C THR A 30 19.71 15.25 -10.78
N GLY A 31 19.39 14.76 -9.58
CA GLY A 31 19.56 15.58 -8.36
C GLY A 31 18.44 16.50 -7.85
N ARG A 32 17.43 16.81 -8.69
CA ARG A 32 16.26 17.59 -8.23
C ARG A 32 15.45 16.80 -7.18
N ARG A 33 14.73 17.52 -6.34
CA ARG A 33 13.99 16.86 -5.30
C ARG A 33 12.52 17.07 -5.59
N VAL A 34 11.83 15.95 -5.81
CA VAL A 34 10.47 15.96 -6.27
C VAL A 34 9.54 16.18 -5.08
N MET A 35 8.77 17.25 -5.13
CA MET A 35 7.79 17.54 -4.09
C MET A 35 6.40 17.20 -4.66
N LEU A 36 5.55 16.52 -3.89
CA LEU A 36 4.20 16.20 -4.40
C LEU A 36 3.13 16.95 -3.59
N VAL A 37 2.20 17.61 -4.26
CA VAL A 37 1.05 18.22 -3.60
C VAL A 37 -0.23 17.59 -4.17
N PRO A 38 -0.84 16.68 -3.42
CA PRO A 38 -1.99 16.01 -4.01
C PRO A 38 -3.23 16.82 -3.77
N THR A 39 -4.02 17.01 -4.80
CA THR A 39 -5.28 17.81 -4.69
C THR A 39 -6.42 17.16 -5.51
N MET A 40 -7.62 17.67 -5.24
CA MET A 40 -8.82 17.35 -6.00
C MET A 40 -9.26 18.52 -6.88
N GLY A 41 -8.31 19.36 -7.24
CA GLY A 41 -8.60 20.60 -7.99
C GLY A 41 -9.46 21.63 -7.25
N ALA A 42 -10.09 22.52 -8.02
CA ALA A 42 -10.87 23.62 -7.46
C ALA A 42 -9.96 24.35 -6.50
N LEU A 43 -8.80 24.77 -6.98
CA LEU A 43 -7.73 25.24 -6.14
C LEU A 43 -8.02 26.65 -5.59
N HIS A 44 -7.54 26.93 -4.39
CA HIS A 44 -7.68 28.20 -3.74
C HIS A 44 -6.35 28.45 -2.98
N GLU A 45 -6.30 29.55 -2.24
CA GLU A 45 -5.09 29.96 -1.54
C GLU A 45 -4.59 28.92 -0.52
N GLY A 46 -5.47 28.10 0.04
CA GLY A 46 -5.01 27.02 0.92
C GLY A 46 -4.07 26.03 0.18
N HIS A 47 -4.41 25.71 -1.06
CA HIS A 47 -3.55 24.91 -1.91
C HIS A 47 -2.27 25.60 -2.30
N LEU A 48 -2.34 26.91 -2.59
CA LEU A 48 -1.13 27.65 -3.01
C LEU A 48 -0.14 27.79 -1.87
N ALA A 49 -0.63 27.83 -0.65
CA ALA A 49 0.28 27.77 0.45
C ALA A 49 1.07 26.41 0.40
N LEU A 50 0.41 25.29 0.09
CA LEU A 50 1.11 24.00 -0.04
C LEU A 50 2.16 24.07 -1.17
N VAL A 51 1.76 24.62 -2.33
CA VAL A 51 2.70 24.81 -3.47
C VAL A 51 3.91 25.67 -3.05
N ARG A 52 3.68 26.83 -2.44
CA ARG A 52 4.80 27.64 -1.92
C ARG A 52 5.70 26.95 -0.91
N ALA A 53 5.16 26.24 0.09
CA ALA A 53 6.04 25.45 0.96
C ALA A 53 6.90 24.47 0.18
N ALA A 54 6.33 23.83 -0.84
CA ALA A 54 7.04 22.86 -1.66
C ALA A 54 8.14 23.59 -2.42
N LYS A 55 7.80 24.76 -3.01
CA LYS A 55 8.73 25.53 -3.87
C LYS A 55 9.99 25.94 -3.12
N ARG A 56 9.79 26.35 -1.89
CA ARG A 56 10.85 26.78 -1.04
C ARG A 56 11.85 25.70 -0.66
N VAL A 57 11.60 24.44 -0.99
CA VAL A 57 12.59 23.39 -0.71
C VAL A 57 13.66 23.40 -1.80
N PRO A 58 14.95 23.53 -1.39
CA PRO A 58 16.01 23.79 -2.38
C PRO A 58 16.21 22.67 -3.43
N GLY A 59 16.29 23.05 -4.71
CA GLY A 59 16.45 22.06 -5.77
C GLY A 59 15.13 21.34 -6.11
N SER A 60 14.01 21.83 -5.56
CA SER A 60 12.76 21.14 -5.68
C SER A 60 12.23 21.27 -7.09
N VAL A 61 11.53 20.23 -7.52
CA VAL A 61 10.60 20.37 -8.62
C VAL A 61 9.24 19.95 -7.99
N VAL A 62 8.22 20.75 -8.27
CA VAL A 62 6.91 20.57 -7.67
C VAL A 62 5.99 19.82 -8.67
N VAL A 63 5.41 18.72 -8.21
CA VAL A 63 4.31 18.03 -8.90
C VAL A 63 2.99 18.27 -8.14
N VAL A 64 2.02 18.84 -8.81
CA VAL A 64 0.71 18.95 -8.21
C VAL A 64 -0.18 17.94 -8.91
N SER A 65 -0.78 17.01 -8.20
CA SER A 65 -1.76 16.16 -8.85
C SER A 65 -3.15 16.71 -8.65
N ILE A 66 -3.97 16.49 -9.66
CA ILE A 66 -5.39 16.93 -9.64
C ILE A 66 -6.27 15.75 -10.00
N PHE A 67 -6.95 15.15 -9.06
CA PHE A 67 -7.70 13.95 -9.38
C PHE A 67 -8.83 13.87 -8.41
N VAL A 68 -10.07 13.79 -8.94
CA VAL A 68 -11.23 13.74 -8.06
C VAL A 68 -11.45 12.25 -7.89
N ASN A 69 -11.02 11.76 -6.76
CA ASN A 69 -10.90 10.35 -6.62
C ASN A 69 -12.27 9.72 -6.31
N PRO A 70 -12.85 8.98 -7.27
CA PRO A 70 -14.16 8.40 -6.90
C PRO A 70 -14.13 7.44 -5.69
N MET A 71 -13.00 6.85 -5.30
CA MET A 71 -13.08 5.80 -4.23
C MET A 71 -13.40 6.32 -2.78
N GLN A 72 -13.08 7.59 -2.51
CA GLN A 72 -13.29 8.24 -1.19
C GLN A 72 -14.67 8.94 -1.04
N PHE A 73 -15.47 8.90 -2.10
CA PHE A 73 -16.84 9.41 -2.11
C PHE A 73 -17.90 8.31 -1.82
N GLY A 74 -19.00 8.68 -1.17
CA GLY A 74 -20.13 7.76 -0.94
C GLY A 74 -21.18 7.89 -2.05
N ALA A 75 -21.77 6.77 -2.47
CA ALA A 75 -22.89 6.86 -3.41
C ALA A 75 -23.93 7.80 -2.80
N GLY A 76 -24.71 8.48 -3.65
CA GLY A 76 -25.67 9.46 -3.16
C GLY A 76 -25.38 10.94 -3.51
N GLY A 77 -24.52 11.16 -4.52
CA GLY A 77 -24.43 12.48 -5.21
C GLY A 77 -23.21 13.36 -4.95
N ASP A 78 -22.46 13.02 -3.89
CA ASP A 78 -21.28 13.77 -3.45
C ASP A 78 -20.26 13.93 -4.58
N LEU A 79 -20.02 12.83 -5.30
CA LEU A 79 -19.05 12.80 -6.41
C LEU A 79 -19.39 13.74 -7.60
N ASP A 80 -20.61 13.62 -8.13
CA ASP A 80 -21.13 14.50 -9.22
C ASP A 80 -21.21 16.02 -8.83
N ALA A 81 -21.36 16.27 -7.52
CA ALA A 81 -21.48 17.64 -6.97
C ALA A 81 -20.13 18.31 -6.64
N TYR A 82 -19.02 17.56 -6.70
CA TYR A 82 -17.71 18.16 -6.38
C TYR A 82 -17.31 19.22 -7.41
N PRO A 83 -16.71 20.37 -6.97
CA PRO A 83 -16.36 21.45 -7.93
C PRO A 83 -15.19 21.11 -8.85
N ARG A 84 -15.43 21.31 -10.15
CA ARG A 84 -14.39 21.08 -11.15
C ARG A 84 -14.17 22.37 -11.89
N THR A 85 -12.96 22.91 -11.79
CA THR A 85 -12.60 24.16 -12.45
C THR A 85 -11.18 24.03 -13.07
N PRO A 86 -10.98 23.09 -14.04
CA PRO A 86 -9.61 22.79 -14.57
C PRO A 86 -8.79 23.98 -15.12
N ASP A 87 -9.45 24.92 -15.82
CA ASP A 87 -8.74 26.02 -16.48
C ASP A 87 -8.15 26.96 -15.45
N ASP A 88 -9.00 27.44 -14.54
CA ASP A 88 -8.54 28.19 -13.37
C ASP A 88 -7.41 27.43 -12.64
N ASP A 89 -7.63 26.14 -12.30
CA ASP A 89 -6.60 25.34 -11.61
C ASP A 89 -5.23 25.46 -12.28
N LEU A 90 -5.19 25.17 -13.58
CA LEU A 90 -3.93 25.19 -14.33
C LEU A 90 -3.33 26.59 -14.46
N ALA A 91 -4.17 27.60 -14.64
CA ALA A 91 -3.72 29.03 -14.62
C ALA A 91 -3.06 29.41 -13.30
N GLN A 92 -3.65 29.05 -12.17
CA GLN A 92 -2.98 29.27 -10.87
C GLN A 92 -1.63 28.63 -10.73
N LEU A 93 -1.50 27.40 -11.22
CA LEU A 93 -0.25 26.64 -11.10
C LEU A 93 0.82 27.30 -11.95
N ARG A 94 0.44 27.73 -13.15
CA ARG A 94 1.35 28.47 -14.04
C ARG A 94 1.93 29.73 -13.35
N ALA A 95 1.01 30.52 -12.80
CA ALA A 95 1.28 31.71 -11.99
C ALA A 95 2.22 31.44 -10.81
N GLU A 96 2.17 30.23 -10.26
CA GLU A 96 3.02 29.92 -9.11
C GLU A 96 4.33 29.34 -9.57
N GLY A 97 4.53 29.20 -10.87
CA GLY A 97 5.78 28.60 -11.37
C GLY A 97 5.88 27.09 -11.08
N VAL A 98 4.74 26.39 -10.98
CA VAL A 98 4.77 24.90 -10.84
C VAL A 98 5.20 24.29 -12.17
N GLU A 99 6.11 23.35 -12.15
CA GLU A 99 6.56 22.81 -13.44
C GLU A 99 5.79 21.55 -13.94
N ILE A 100 5.13 20.87 -13.00
CA ILE A 100 4.38 19.63 -13.29
C ILE A 100 2.94 19.56 -12.69
N ALA A 101 1.95 19.42 -13.57
CA ALA A 101 0.61 19.01 -13.18
C ALA A 101 0.34 17.54 -13.66
N PHE A 102 -0.08 16.70 -12.74
CA PHE A 102 -0.44 15.31 -13.02
C PHE A 102 -2.00 15.20 -12.92
N THR A 103 -2.65 15.01 -14.06
CA THR A 103 -4.13 15.00 -14.19
C THR A 103 -4.59 13.60 -14.76
N PRO A 104 -4.54 12.53 -13.94
CA PRO A 104 -4.82 11.19 -14.51
C PRO A 104 -6.34 10.98 -14.74
N THR A 105 -6.69 10.03 -15.61
CA THR A 105 -8.06 9.60 -15.79
C THR A 105 -8.44 8.57 -14.73
N THR A 106 -9.74 8.42 -14.51
CA THR A 106 -10.23 7.38 -13.64
C THR A 106 -9.83 6.00 -14.17
N ALA A 107 -9.93 5.83 -15.47
CA ALA A 107 -9.53 4.58 -16.13
C ALA A 107 -8.05 4.29 -15.89
N ALA A 108 -7.19 5.33 -15.91
CA ALA A 108 -5.73 5.06 -15.77
C ALA A 108 -5.44 4.68 -14.29
N MET A 109 -6.26 5.23 -13.36
CA MET A 109 -6.03 5.05 -11.91
C MET A 109 -6.66 3.76 -11.38
N TYR A 110 -7.81 3.37 -11.97
CA TYR A 110 -8.68 2.24 -11.61
C TYR A 110 -8.99 1.26 -12.77
N PRO A 111 -7.94 0.79 -13.51
CA PRO A 111 -8.21 -0.12 -14.64
C PRO A 111 -8.86 -1.43 -14.21
N ASP A 112 -8.63 -1.85 -12.95
CA ASP A 112 -9.21 -3.07 -12.49
C ASP A 112 -10.24 -2.82 -11.47
N GLY A 113 -10.80 -1.61 -11.46
CA GLY A 113 -11.77 -1.21 -10.44
C GLY A 113 -11.10 -1.22 -9.07
N LEU A 114 -11.89 -1.50 -8.05
CA LEU A 114 -11.42 -1.70 -6.72
C LEU A 114 -11.02 -3.12 -6.54
N ARG A 115 -9.72 -3.36 -6.54
CA ARG A 115 -9.22 -4.72 -6.37
C ARG A 115 -8.36 -4.74 -5.13
N THR A 116 -7.04 -4.59 -5.27
CA THR A 116 -6.20 -4.45 -4.08
C THR A 116 -6.42 -3.00 -3.52
N THR A 117 -6.67 -2.86 -2.21
CA THR A 117 -6.90 -1.57 -1.61
C THR A 117 -6.18 -1.49 -0.21
N VAL A 118 -6.14 -0.28 0.34
CA VAL A 118 -5.61 -0.05 1.65
C VAL A 118 -6.73 -0.12 2.69
N GLN A 119 -6.51 -0.87 3.73
CA GLN A 119 -7.42 -0.79 4.81
C GLN A 119 -6.83 0.06 5.96
N PRO A 120 -7.41 1.22 6.27
CA PRO A 120 -6.83 2.06 7.37
C PRO A 120 -6.98 1.41 8.74
N GLY A 121 -6.21 1.83 9.75
CA GLY A 121 -6.52 1.51 11.15
C GLY A 121 -7.91 2.03 11.61
N PRO A 122 -8.29 1.68 12.86
CA PRO A 122 -9.55 2.05 13.51
C PRO A 122 -9.72 3.57 13.58
N LEU A 123 -8.63 4.36 13.50
CA LEU A 123 -8.91 5.83 13.44
C LEU A 123 -9.86 6.20 12.25
N ALA A 124 -9.81 5.39 11.17
CA ALA A 124 -10.66 5.71 9.98
C ALA A 124 -12.18 5.51 10.20
N ALA A 125 -12.57 4.78 11.26
CA ALA A 125 -13.99 4.54 11.59
C ALA A 125 -14.60 5.65 12.47
N GLU A 126 -13.78 6.61 12.89
CA GLU A 126 -14.24 7.66 13.80
C GLU A 126 -14.31 9.03 13.12
N LEU A 127 -14.99 9.97 13.79
CA LEU A 127 -15.08 11.38 13.37
C LEU A 127 -15.64 11.44 11.95
N GLU A 128 -14.83 11.80 10.97
CA GLU A 128 -15.33 11.92 9.62
C GLU A 128 -15.72 10.54 9.04
N GLY A 129 -15.17 9.46 9.58
CA GLY A 129 -15.44 8.21 8.96
C GLY A 129 -16.60 7.48 9.64
N GLY A 130 -17.19 8.07 10.68
CA GLY A 130 -18.23 7.38 11.45
C GLY A 130 -19.41 6.96 10.58
N PRO A 131 -20.02 7.95 9.90
CA PRO A 131 -21.10 7.71 8.97
C PRO A 131 -20.64 7.46 7.52
N ARG A 132 -19.31 7.46 7.28
CA ARG A 132 -18.71 7.33 5.92
C ARG A 132 -17.57 6.35 6.10
N PRO A 133 -17.89 5.09 6.39
CA PRO A 133 -16.89 4.11 6.83
C PRO A 133 -15.89 3.65 5.77
N THR A 134 -16.14 3.94 4.52
CA THR A 134 -15.18 3.59 3.50
C THR A 134 -14.45 4.81 3.02
N HIS A 135 -14.82 5.99 3.54
CA HIS A 135 -14.17 7.20 3.09
C HIS A 135 -12.60 7.18 3.13
N PHE A 136 -12.00 6.81 4.26
CA PHE A 136 -10.54 6.90 4.35
C PHE A 136 -9.77 5.81 3.62
N ALA A 137 -10.39 4.63 3.42
CA ALA A 137 -9.79 3.57 2.58
C ALA A 137 -9.58 4.14 1.19
N GLY A 138 -10.55 4.91 0.71
CA GLY A 138 -10.44 5.54 -0.63
C GLY A 138 -9.30 6.53 -0.69
N VAL A 139 -9.21 7.38 0.33
CA VAL A 139 -8.14 8.40 0.38
C VAL A 139 -6.74 7.74 0.46
N LEU A 140 -6.57 6.77 1.38
CA LEU A 140 -5.28 6.14 1.57
C LEU A 140 -4.88 5.34 0.35
N THR A 141 -5.88 4.76 -0.33
CA THR A 141 -5.55 3.98 -1.56
C THR A 141 -4.99 4.91 -2.66
N VAL A 142 -5.65 6.06 -2.84
CA VAL A 142 -5.21 6.91 -3.94
C VAL A 142 -3.88 7.59 -3.54
N VAL A 143 -3.70 7.96 -2.27
CA VAL A 143 -2.49 8.58 -1.87
C VAL A 143 -1.30 7.59 -2.00
N LEU A 144 -1.45 6.33 -1.56
CA LEU A 144 -0.47 5.31 -1.83
C LEU A 144 -0.14 5.26 -3.32
N LYS A 145 -1.16 5.21 -4.18
CA LYS A 145 -0.85 5.06 -5.63
C LYS A 145 -0.05 6.28 -6.16
N LEU A 146 -0.46 7.48 -5.76
CA LEU A 146 0.20 8.73 -6.18
C LEU A 146 1.64 8.76 -5.69
N LEU A 147 1.90 8.28 -4.46
CA LEU A 147 3.27 8.21 -3.99
C LEU A 147 4.14 7.21 -4.78
N GLN A 148 3.52 6.13 -5.28
CA GLN A 148 4.28 5.09 -6.03
C GLN A 148 4.52 5.56 -7.43
N ILE A 149 3.58 6.29 -8.00
CA ILE A 149 3.75 6.82 -9.35
C ILE A 149 4.87 7.90 -9.38
N VAL A 150 4.74 8.91 -8.52
CA VAL A 150 5.57 10.10 -8.48
C VAL A 150 6.81 9.91 -7.60
N ARG A 151 6.77 9.03 -6.59
CA ARG A 151 7.96 8.85 -5.75
C ARG A 151 8.58 10.20 -5.31
N PRO A 152 7.81 11.06 -4.61
CA PRO A 152 8.45 12.28 -4.11
C PRO A 152 9.33 12.02 -2.88
N ASP A 153 10.21 12.98 -2.61
CA ASP A 153 10.91 13.08 -1.34
C ASP A 153 10.01 13.53 -0.22
N ARG A 154 9.12 14.44 -0.53
CA ARG A 154 8.19 14.95 0.44
C ARG A 154 6.81 15.16 -0.17
N VAL A 155 5.80 14.99 0.66
CA VAL A 155 4.41 15.12 0.23
C VAL A 155 3.67 16.09 1.17
N PHE A 156 2.93 17.02 0.59
CA PHE A 156 2.40 18.15 1.35
C PHE A 156 0.89 18.08 1.53
N PHE A 157 0.43 18.31 2.74
CA PHE A 157 -1.00 18.31 3.01
C PHE A 157 -1.35 19.45 4.01
N GLY A 158 -2.53 20.04 3.83
CA GLY A 158 -3.04 21.02 4.77
C GLY A 158 -3.52 20.41 6.08
N GLU A 159 -3.35 21.16 7.17
CA GLU A 159 -3.92 20.76 8.46
C GLU A 159 -5.44 20.87 8.54
N LYS A 160 -6.10 21.53 7.59
CA LYS A 160 -7.57 21.64 7.65
C LYS A 160 -8.21 20.24 7.75
N ASP A 161 -7.72 19.31 6.95
CA ASP A 161 -8.23 17.96 6.98
C ASP A 161 -7.27 17.18 7.85
N TYR A 162 -7.37 17.46 9.15
CA TYR A 162 -6.37 17.02 10.09
C TYR A 162 -6.42 15.50 10.28
N GLN A 163 -7.62 14.92 10.38
CA GLN A 163 -7.75 13.47 10.55
C GLN A 163 -7.14 12.71 9.37
N GLN A 164 -7.38 13.20 8.18
CA GLN A 164 -6.74 12.73 6.96
C GLN A 164 -5.20 12.81 6.98
N LEU A 165 -4.66 13.94 7.51
CA LEU A 165 -3.22 14.10 7.64
C LEU A 165 -2.70 13.01 8.56
N VAL A 166 -3.34 12.83 9.70
CA VAL A 166 -2.90 11.84 10.66
C VAL A 166 -2.90 10.43 10.03
N LEU A 167 -3.95 10.09 9.28
CA LEU A 167 -4.04 8.75 8.73
C LEU A 167 -2.99 8.57 7.67
N ILE A 168 -2.65 9.65 6.97
CA ILE A 168 -1.59 9.62 6.00
C ILE A 168 -0.23 9.36 6.65
N ARG A 169 0.04 10.00 7.77
CA ARG A 169 1.24 9.70 8.50
C ARG A 169 1.20 8.23 8.94
N GLN A 170 0.04 7.69 9.28
CA GLN A 170 -0.04 6.27 9.63
C GLN A 170 0.35 5.34 8.48
N LEU A 171 -0.27 5.53 7.33
CA LEU A 171 0.10 4.93 6.07
C LEU A 171 1.60 4.89 5.79
N VAL A 172 2.19 6.06 5.79
CA VAL A 172 3.61 6.23 5.57
C VAL A 172 4.45 5.43 6.59
N ALA A 173 4.16 5.56 7.90
CA ALA A 173 4.93 4.76 8.91
C ALA A 173 4.69 3.25 8.73
N ASP A 174 3.44 2.86 8.57
CA ASP A 174 3.03 1.45 8.62
C ASP A 174 3.51 0.68 7.37
N PHE A 175 3.58 1.34 6.19
CA PHE A 175 4.05 0.70 4.98
C PHE A 175 5.50 1.05 4.67
N ASN A 176 6.16 1.73 5.62
CA ASN A 176 7.60 2.09 5.53
C ASN A 176 7.85 2.93 4.29
N LEU A 177 6.94 3.85 3.96
CA LEU A 177 7.20 4.60 2.72
C LEU A 177 8.36 5.56 2.94
N ASP A 178 9.27 5.60 1.98
N ASP A 178 9.19 5.68 1.91
CA ASP A 178 10.39 6.52 2.04
CA ASP A 178 10.39 6.49 1.99
C ASP A 178 9.92 7.85 1.48
C ASP A 178 10.13 7.95 1.60
N VAL A 179 9.24 8.63 2.34
CA VAL A 179 8.73 9.98 1.95
C VAL A 179 8.50 10.74 3.23
N ALA A 180 8.78 12.03 3.24
CA ALA A 180 8.48 12.87 4.43
C ALA A 180 7.11 13.55 4.27
N VAL A 181 6.24 13.41 5.27
CA VAL A 181 4.93 14.05 5.18
C VAL A 181 5.00 15.45 5.90
N VAL A 182 4.73 16.51 5.12
CA VAL A 182 4.74 17.88 5.64
C VAL A 182 3.33 18.39 5.82
N GLY A 183 2.92 18.67 7.06
CA GLY A 183 1.65 19.33 7.30
C GLY A 183 1.85 20.86 7.20
N VAL A 184 0.92 21.54 6.54
CA VAL A 184 0.97 22.99 6.38
C VAL A 184 -0.23 23.64 7.10
N PRO A 185 0.00 24.72 7.90
CA PRO A 185 -1.10 25.29 8.68
C PRO A 185 -2.28 25.76 7.80
N THR A 186 -3.50 25.61 8.30
CA THR A 186 -4.69 26.06 7.56
C THR A 186 -4.60 27.57 7.15
N VAL A 187 -4.90 27.87 5.90
CA VAL A 187 -4.97 29.24 5.43
C VAL A 187 -6.40 29.67 5.70
N ARG A 188 -6.57 30.91 6.18
CA ARG A 188 -7.88 31.40 6.63
C ARG A 188 -8.30 32.68 5.90
N GLU A 189 -9.60 32.84 5.70
CA GLU A 189 -10.14 34.14 5.28
C GLU A 189 -9.84 35.19 6.39
N ALA A 190 -9.99 36.50 6.08
CA ALA A 190 -9.65 37.58 7.05
C ALA A 190 -10.48 37.49 8.35
N ASP A 191 -11.70 36.99 8.27
CA ASP A 191 -12.48 36.78 9.47
C ASP A 191 -12.14 35.46 10.27
N GLY A 192 -11.20 34.62 9.79
CA GLY A 192 -10.96 33.28 10.37
C GLY A 192 -11.46 32.00 9.63
N LEU A 193 -12.42 32.13 8.71
CA LEU A 193 -13.02 30.98 8.07
C LEU A 193 -11.93 30.13 7.37
N ALA A 194 -11.81 28.84 7.73
CA ALA A 194 -10.83 27.96 7.04
C ALA A 194 -11.19 27.92 5.55
N MET A 195 -10.23 28.23 4.69
CA MET A 195 -10.46 28.09 3.25
C MET A 195 -10.74 26.63 2.89
N SER A 196 -11.72 26.44 2.00
CA SER A 196 -12.11 25.13 1.52
C SER A 196 -12.84 25.38 0.20
N SER A 197 -12.70 24.41 -0.72
CA SER A 197 -13.41 24.41 -1.99
CA SER A 197 -13.41 24.47 -2.00
C SER A 197 -14.91 24.38 -1.72
N ARG A 198 -15.28 23.89 -0.54
CA ARG A 198 -16.68 23.83 -0.16
C ARG A 198 -17.33 25.18 0.15
N ASN A 199 -16.52 26.17 0.51
CA ASN A 199 -17.03 27.47 0.96
C ASN A 199 -17.93 28.16 -0.09
N ARG A 200 -17.69 27.89 -1.39
CA ARG A 200 -18.49 28.52 -2.47
C ARG A 200 -19.94 28.09 -2.34
N TYR A 201 -20.20 26.99 -1.66
CA TYR A 201 -21.58 26.55 -1.46
C TYR A 201 -22.38 27.25 -0.36
N LEU A 202 -21.81 28.29 0.27
CA LEU A 202 -22.50 29.00 1.36
C LEU A 202 -23.19 30.25 0.77
N ASP A 203 -24.48 30.43 1.00
CA ASP A 203 -25.13 31.70 0.61
C ASP A 203 -24.59 32.80 1.55
N PRO A 204 -24.86 34.09 1.26
CA PRO A 204 -24.30 35.13 2.15
C PRO A 204 -24.64 34.98 3.66
N ALA A 205 -25.86 34.59 4.00
CA ALA A 205 -26.19 34.32 5.41
C ALA A 205 -25.27 33.24 6.04
N GLN A 206 -25.20 32.09 5.40
CA GLN A 206 -24.40 30.96 5.84
C GLN A 206 -22.93 31.36 5.91
N ARG A 207 -22.48 32.16 4.96
CA ARG A 207 -21.11 32.60 4.99
C ARG A 207 -20.83 33.45 6.26
N ALA A 208 -21.84 34.25 6.64
CA ALA A 208 -21.75 35.11 7.82
C ALA A 208 -21.70 34.22 9.07
N ALA A 209 -22.59 33.25 9.13
CA ALA A 209 -22.66 32.32 10.28
C ALA A 209 -21.40 31.40 10.44
N ALA A 210 -20.78 31.05 9.33
CA ALA A 210 -19.70 30.05 9.24
C ALA A 210 -18.48 30.48 10.05
N VAL A 211 -18.40 31.77 10.35
CA VAL A 211 -17.28 32.34 11.08
C VAL A 211 -17.34 31.73 12.49
N ALA A 212 -18.50 31.23 12.88
CA ALA A 212 -18.61 30.70 14.22
C ALA A 212 -17.63 29.48 14.50
N LEU A 213 -17.26 28.74 13.46
CA LEU A 213 -16.42 27.58 13.69
C LEU A 213 -15.08 28.02 14.21
N SER A 214 -14.43 28.89 13.44
CA SER A 214 -13.10 29.34 13.80
C SER A 214 -13.15 30.21 15.09
N ALA A 215 -14.19 31.02 15.27
CA ALA A 215 -14.43 31.79 16.49
C ALA A 215 -14.44 30.89 17.73
N ALA A 216 -15.16 29.78 17.63
CA ALA A 216 -15.35 28.83 18.74
C ALA A 216 -14.01 28.16 19.09
N LEU A 217 -13.28 27.73 18.06
CA LEU A 217 -12.01 27.09 18.24
C LEU A 217 -11.00 28.04 18.84
N THR A 218 -10.90 29.26 18.34
CA THR A 218 -9.89 30.14 18.92
C THR A 218 -10.34 30.60 20.32
N ALA A 219 -11.63 30.78 20.53
CA ALA A 219 -12.10 31.02 21.89
C ALA A 219 -11.62 29.89 22.85
N ALA A 220 -11.88 28.66 22.45
CA ALA A 220 -11.50 27.50 23.24
C ALA A 220 -9.96 27.48 23.47
N ALA A 221 -9.19 27.88 22.47
CA ALA A 221 -7.74 27.79 22.62
C ALA A 221 -7.30 28.75 23.71
N HIS A 222 -8.01 29.89 23.85
CA HIS A 222 -7.65 30.83 24.94
C HIS A 222 -8.28 30.51 26.30
N ALA A 223 -9.49 29.96 26.30
CA ALA A 223 -10.12 29.46 27.50
C ALA A 223 -9.36 28.28 28.14
N ALA A 224 -8.51 27.64 27.36
CA ALA A 224 -7.86 26.37 27.77
C ALA A 224 -6.89 26.52 28.97
N THR A 225 -6.45 27.73 29.32
CA THR A 225 -5.68 27.96 30.56
C THR A 225 -6.50 27.52 31.74
N ALA A 226 -7.84 27.59 31.62
CA ALA A 226 -8.72 27.20 32.70
C ALA A 226 -9.13 25.71 32.59
N GLY A 227 -8.56 24.96 31.62
CA GLY A 227 -8.79 23.50 31.52
C GLY A 227 -9.63 23.06 30.30
N ALA A 228 -9.76 21.73 30.14
CA ALA A 228 -10.46 21.12 29.01
C ALA A 228 -11.93 21.45 28.97
N GLN A 229 -12.60 21.38 30.11
CA GLN A 229 -14.04 21.62 30.17
C GLN A 229 -14.40 23.07 29.83
N ALA A 230 -13.59 23.98 30.30
CA ALA A 230 -13.75 25.40 30.01
C ALA A 230 -13.49 25.63 28.50
N ALA A 231 -12.48 24.95 27.96
CA ALA A 231 -12.19 25.13 26.55
C ALA A 231 -13.40 24.64 25.74
N LEU A 232 -13.88 23.42 26.05
CA LEU A 232 -15.01 22.85 25.32
C LEU A 232 -16.31 23.63 25.47
N ASP A 233 -16.62 24.03 26.71
CA ASP A 233 -17.81 24.86 26.98
C ASP A 233 -17.73 26.19 26.23
N ALA A 234 -16.55 26.80 26.13
CA ALA A 234 -16.43 28.11 25.36
C ALA A 234 -16.79 27.93 23.89
N ALA A 235 -16.17 26.94 23.25
CA ALA A 235 -16.42 26.60 21.84
C ALA A 235 -17.89 26.33 21.63
N ARG A 236 -18.45 25.51 22.48
CA ARG A 236 -19.84 25.09 22.36
C ARG A 236 -20.83 26.27 22.46
N ALA A 237 -20.54 27.20 23.39
CA ALA A 237 -21.38 28.37 23.59
C ALA A 237 -21.37 29.27 22.36
N VAL A 238 -20.20 29.38 21.73
CA VAL A 238 -20.08 30.24 20.57
C VAL A 238 -20.90 29.64 19.42
N LEU A 239 -20.86 28.29 19.32
CA LEU A 239 -21.53 27.54 18.25
C LEU A 239 -23.06 27.57 18.47
N ASP A 240 -23.47 27.43 19.72
CA ASP A 240 -24.89 27.63 20.16
C ASP A 240 -25.49 29.00 19.82
N ALA A 241 -24.68 30.06 19.78
CA ALA A 241 -25.11 31.41 19.44
C ALA A 241 -25.07 31.68 17.95
N ALA A 242 -24.73 30.68 17.14
CA ALA A 242 -24.60 30.93 15.70
C ALA A 242 -25.88 30.46 15.02
N PRO A 243 -26.49 31.39 14.22
CA PRO A 243 -27.81 31.08 13.72
C PRO A 243 -27.62 30.12 12.59
N GLY A 244 -28.24 28.95 12.67
CA GLY A 244 -28.17 28.06 11.52
C GLY A 244 -26.92 27.22 11.42
N VAL A 245 -26.21 27.00 12.52
CA VAL A 245 -25.08 26.07 12.50
C VAL A 245 -25.48 24.78 13.21
N ALA A 246 -25.47 23.66 12.47
CA ALA A 246 -25.79 22.35 13.07
C ALA A 246 -24.52 21.53 13.34
N VAL A 247 -24.18 21.41 14.60
CA VAL A 247 -22.94 20.77 14.97
C VAL A 247 -23.01 19.25 14.81
N ASP A 248 -22.16 18.68 13.98
CA ASP A 248 -21.95 17.22 13.92
C ASP A 248 -21.16 16.68 15.12
N TYR A 249 -19.93 17.16 15.26
CA TYR A 249 -19.15 16.83 16.47
C TYR A 249 -18.27 18.02 16.88
N LEU A 250 -17.90 18.03 18.15
CA LEU A 250 -16.90 18.91 18.69
C LEU A 250 -16.06 18.09 19.69
N GLU A 251 -14.82 17.76 19.33
CA GLU A 251 -14.03 16.87 20.19
C GLU A 251 -12.62 17.27 20.38
N LEU A 252 -12.18 17.08 21.61
CA LEU A 252 -10.87 17.41 21.96
C LEU A 252 -10.07 16.10 22.03
N ARG A 253 -8.98 16.03 21.28
CA ARG A 253 -8.16 14.84 21.30
C ARG A 253 -6.70 15.15 21.42
N ASP A 254 -5.93 14.08 21.64
CA ASP A 254 -4.50 14.11 21.60
C ASP A 254 -4.06 14.37 20.14
N ILE A 255 -2.84 14.83 19.89
CA ILE A 255 -2.51 15.22 18.55
C ILE A 255 -2.51 14.08 17.54
N GLY A 256 -2.34 12.86 18.01
CA GLY A 256 -2.33 11.68 17.16
C GLY A 256 -3.75 11.22 16.96
N LEU A 257 -4.70 11.87 17.67
CA LEU A 257 -6.16 11.59 17.59
C LEU A 257 -6.54 10.26 18.22
N GLY A 258 -5.57 9.62 18.87
CA GLY A 258 -5.60 8.14 19.00
C GLY A 258 -6.00 7.60 20.36
N PRO A 259 -5.71 6.27 20.61
CA PRO A 259 -5.86 5.53 21.90
C PRO A 259 -4.94 6.01 23.10
N MET A 260 -4.48 7.27 23.05
CA MET A 260 -3.86 7.91 24.20
C MET A 260 -4.85 8.93 24.77
N PRO A 261 -4.90 9.04 26.12
CA PRO A 261 -5.76 10.12 26.65
C PRO A 261 -5.15 11.50 26.31
N LEU A 262 -6.00 12.53 26.25
CA LEU A 262 -5.50 13.89 26.13
C LEU A 262 -4.56 14.22 27.33
N ASN A 263 -3.33 14.65 27.00
CA ASN A 263 -2.36 15.17 27.98
C ASN A 263 -2.46 16.72 28.11
N GLY A 264 -1.38 17.45 27.81
CA GLY A 264 -1.39 18.91 27.84
C GLY A 264 -1.51 19.52 26.45
N SER A 265 -1.21 18.73 25.42
CA SER A 265 -1.30 19.19 24.05
C SER A 265 -2.34 18.35 23.33
N GLY A 266 -3.19 19.05 22.60
CA GLY A 266 -4.32 18.46 21.99
C GLY A 266 -4.66 19.11 20.66
N ARG A 267 -5.74 18.63 20.07
CA ARG A 267 -6.19 19.20 18.88
C ARG A 267 -7.65 19.25 19.13
N LEU A 268 -8.28 20.39 18.85
CA LEU A 268 -9.74 20.48 19.00
C LEU A 268 -10.39 20.41 17.58
N LEU A 269 -11.34 19.51 17.35
CA LEU A 269 -11.92 19.34 16.02
C LEU A 269 -13.40 19.60 15.99
N VAL A 270 -13.84 20.29 14.97
CA VAL A 270 -15.29 20.51 14.83
C VAL A 270 -15.74 20.19 13.41
N ALA A 271 -16.97 19.71 13.26
CA ALA A 271 -17.62 19.57 11.98
C ALA A 271 -19.05 20.01 12.14
N ALA A 272 -19.55 20.74 11.15
CA ALA A 272 -20.88 21.29 11.27
C ALA A 272 -21.54 21.49 9.89
N ARG A 273 -22.88 21.56 9.87
CA ARG A 273 -23.64 21.74 8.64
C ARG A 273 -24.20 23.15 8.64
N LEU A 274 -24.00 23.86 7.53
CA LEU A 274 -24.74 25.08 7.24
C LEU A 274 -25.60 24.81 5.98
N GLY A 275 -26.93 24.74 6.15
CA GLY A 275 -27.83 24.19 5.09
C GLY A 275 -27.33 22.77 4.80
N THR A 276 -26.97 22.51 3.54
CA THR A 276 -26.43 21.19 3.16
C THR A 276 -24.89 21.15 3.18
N THR A 277 -24.25 22.29 3.39
CA THR A 277 -22.81 22.34 3.34
C THR A 277 -22.14 21.96 4.66
N ARG A 278 -21.30 20.94 4.59
CA ARG A 278 -20.64 20.43 5.75
C ARG A 278 -19.25 21.08 5.87
N LEU A 279 -18.98 21.73 7.00
CA LEU A 279 -17.63 22.37 7.20
C LEU A 279 -16.87 21.72 8.33
N LEU A 280 -15.56 21.66 8.16
CA LEU A 280 -14.63 21.18 9.17
C LEU A 280 -13.65 22.30 9.54
N ASP A 281 -13.11 22.21 10.75
CA ASP A 281 -12.00 23.05 11.17
C ASP A 281 -11.34 22.40 12.39
N ASN A 282 -10.12 22.81 12.72
CA ASN A 282 -9.51 22.23 13.92
C ASN A 282 -8.41 23.15 14.32
N ILE A 283 -7.97 23.05 15.57
CA ILE A 283 -6.94 23.94 16.03
C ILE A 283 -6.11 23.18 17.05
N ALA A 284 -4.83 23.56 17.16
CA ALA A 284 -3.97 23.17 18.30
C ALA A 284 -4.47 23.80 19.57
N ILE A 285 -4.41 23.02 20.64
CA ILE A 285 -4.91 23.42 21.96
C ILE A 285 -3.82 23.03 22.98
N GLU A 286 -3.49 23.93 23.89
CA GLU A 286 -2.62 23.60 25.04
C GLU A 286 -3.42 23.69 26.33
N ILE A 287 -3.43 22.62 27.10
CA ILE A 287 -4.30 22.58 28.26
C ILE A 287 -3.53 23.09 29.48
N GLY A 288 -4.23 23.89 30.31
CA GLY A 288 -3.68 24.46 31.54
C GLY A 288 -2.34 25.15 31.33
N THR A 289 -1.30 24.65 32.01
CA THR A 289 0.08 25.22 31.96
C THR A 289 0.60 25.52 30.57
N PHE A 290 0.23 24.64 29.62
CA PHE A 290 0.41 24.74 28.15
C PHE A 290 1.21 23.52 27.74
N ALA A 291 1.09 22.46 28.54
CA ALA A 291 2.05 21.36 28.62
C ALA A 291 2.37 20.72 27.27
N ALA B 2 25.53 8.81 8.38
CA ALA B 2 26.59 7.88 7.91
C ALA B 2 26.08 6.44 7.65
N ILE B 3 26.19 6.00 6.39
CA ILE B 3 25.73 4.67 5.89
C ILE B 3 26.31 3.44 6.64
N PRO B 4 25.49 2.40 6.90
CA PRO B 4 26.04 1.20 7.60
C PRO B 4 27.07 0.47 6.76
N ALA B 5 27.92 -0.29 7.43
CA ALA B 5 29.03 -0.98 6.77
C ALA B 5 28.55 -2.16 5.90
N PHE B 6 28.96 -2.15 4.64
CA PHE B 6 28.73 -3.23 3.72
C PHE B 6 30.07 -3.76 3.22
N HIS B 7 30.28 -5.06 3.35
CA HIS B 7 31.51 -5.76 2.89
C HIS B 7 31.22 -6.65 1.69
N PRO B 8 31.59 -6.19 0.48
CA PRO B 8 31.38 -6.91 -0.79
C PRO B 8 31.85 -8.35 -0.67
N GLY B 9 31.11 -9.28 -1.27
CA GLY B 9 31.54 -10.69 -1.33
C GLY B 9 31.40 -11.52 -0.06
N GLU B 10 30.92 -10.89 1.00
CA GLU B 10 30.54 -11.62 2.23
C GLU B 10 29.04 -11.48 2.55
N LEU B 11 28.54 -12.33 3.44
CA LEU B 11 27.20 -12.18 3.99
C LEU B 11 27.16 -11.07 5.02
N ASN B 12 26.39 -10.02 4.73
CA ASN B 12 26.15 -8.90 5.59
C ASN B 12 24.72 -9.05 6.15
N VAL B 13 24.60 -9.14 7.47
CA VAL B 13 23.32 -9.33 8.08
C VAL B 13 22.87 -8.02 8.74
N TYR B 14 21.62 -7.65 8.51
CA TYR B 14 21.02 -6.48 9.12
C TYR B 14 19.66 -6.87 9.68
N SER B 15 19.43 -6.45 10.91
CA SER B 15 18.12 -6.59 11.49
C SER B 15 17.28 -5.32 11.47
N ALA B 16 17.92 -4.17 11.39
CA ALA B 16 17.15 -2.90 11.42
C ALA B 16 16.66 -2.56 9.99
N PRO B 17 15.33 -2.28 9.82
CA PRO B 17 14.83 -1.89 8.52
C PRO B 17 15.58 -0.68 7.90
N GLY B 18 15.88 0.34 8.70
CA GLY B 18 16.54 1.53 8.24
C GLY B 18 17.94 1.21 7.77
N ASP B 19 18.61 0.33 8.50
CA ASP B 19 19.91 -0.12 8.01
C ASP B 19 19.87 -0.79 6.62
N VAL B 20 19.00 -1.79 6.45
CA VAL B 20 18.94 -2.44 5.14
C VAL B 20 18.52 -1.43 4.05
N ALA B 21 17.61 -0.52 4.41
CA ALA B 21 17.16 0.54 3.51
C ALA B 21 18.32 1.40 3.04
N ASP B 22 19.15 1.88 3.99
CA ASP B 22 20.34 2.70 3.69
C ASP B 22 21.37 1.95 2.82
N VAL B 23 21.67 0.68 3.13
CA VAL B 23 22.68 -0.06 2.38
C VAL B 23 22.18 -0.29 0.95
N SER B 24 20.92 -0.67 0.82
CA SER B 24 20.35 -0.94 -0.48
C SER B 24 20.36 0.31 -1.39
N ARG B 25 19.95 1.46 -0.84
CA ARG B 25 19.92 2.73 -1.55
C ARG B 25 21.34 3.07 -1.99
N ALA B 26 22.31 2.92 -1.08
CA ALA B 26 23.71 3.20 -1.45
C ALA B 26 24.23 2.22 -2.53
N LEU B 27 23.86 0.94 -2.44
CA LEU B 27 24.33 -0.02 -3.44
C LEU B 27 23.72 0.32 -4.82
N ARG B 28 22.43 0.66 -4.85
CA ARG B 28 21.82 0.98 -6.11
C ARG B 28 22.48 2.19 -6.81
N LEU B 29 22.96 3.15 -6.02
CA LEU B 29 23.59 4.35 -6.60
C LEU B 29 25.00 4.06 -7.17
N THR B 30 25.61 2.95 -6.74
CA THR B 30 26.91 2.51 -7.23
C THR B 30 26.82 1.62 -8.47
N GLY B 31 25.63 1.52 -9.06
CA GLY B 31 25.35 0.54 -10.14
C GLY B 31 25.16 -0.95 -9.79
N ARG B 32 24.67 -1.29 -8.61
CA ARG B 32 24.26 -2.65 -8.38
C ARG B 32 22.78 -2.64 -8.65
N ARG B 33 22.23 -3.78 -9.03
CA ARG B 33 20.78 -3.98 -9.12
C ARG B 33 20.34 -4.88 -7.95
N VAL B 34 19.45 -4.37 -7.12
CA VAL B 34 19.08 -5.04 -5.88
C VAL B 34 17.97 -6.07 -6.14
N MET B 35 18.19 -7.32 -5.77
CA MET B 35 17.21 -8.36 -6.06
C MET B 35 16.72 -8.78 -4.72
N LEU B 36 15.41 -8.89 -4.54
CA LEU B 36 14.84 -9.37 -3.27
C LEU B 36 14.25 -10.79 -3.33
N VAL B 37 14.67 -11.63 -2.37
CA VAL B 37 14.13 -12.95 -2.18
C VAL B 37 13.54 -13.07 -0.80
N PRO B 38 12.20 -12.92 -0.68
CA PRO B 38 11.56 -13.05 0.64
C PRO B 38 11.30 -14.50 1.07
N THR B 39 11.70 -14.80 2.31
CA THR B 39 11.56 -16.14 2.86
C THR B 39 11.07 -16.09 4.28
N MET B 40 10.55 -17.19 4.76
CA MET B 40 10.33 -17.31 6.19
C MET B 40 11.37 -18.22 6.83
N GLY B 41 12.59 -18.20 6.29
CA GLY B 41 13.63 -19.06 6.84
C GLY B 41 13.30 -20.52 6.66
N ALA B 42 13.95 -21.37 7.47
CA ALA B 42 14.03 -22.81 7.25
C ALA B 42 14.30 -23.14 5.78
N LEU B 43 15.44 -22.69 5.26
CA LEU B 43 15.69 -22.73 3.80
C LEU B 43 15.95 -24.13 3.22
N HIS B 44 15.42 -24.39 2.04
CA HIS B 44 15.68 -25.61 1.27
C HIS B 44 15.95 -25.27 -0.19
N GLU B 45 16.15 -26.30 -1.01
CA GLU B 45 16.58 -26.14 -2.37
C GLU B 45 15.69 -25.18 -3.17
N GLY B 46 14.39 -25.25 -2.92
CA GLY B 46 13.43 -24.31 -3.53
C GLY B 46 13.80 -22.85 -3.29
N HIS B 47 14.13 -22.49 -2.06
CA HIS B 47 14.68 -21.16 -1.79
C HIS B 47 15.99 -20.87 -2.57
N LEU B 48 16.93 -21.82 -2.58
CA LEU B 48 18.19 -21.64 -3.31
C LEU B 48 18.00 -21.42 -4.83
N ALA B 49 17.03 -22.12 -5.42
CA ALA B 49 16.67 -21.80 -6.78
C ALA B 49 16.23 -20.34 -6.96
N LEU B 50 15.60 -19.71 -5.94
CA LEU B 50 15.18 -18.28 -6.04
C LEU B 50 16.43 -17.43 -5.95
N VAL B 51 17.25 -17.76 -4.97
CA VAL B 51 18.59 -17.23 -4.89
C VAL B 51 19.44 -17.28 -6.19
N ARG B 52 19.50 -18.43 -6.83
CA ARG B 52 20.30 -18.54 -8.05
C ARG B 52 19.76 -17.72 -9.18
N ALA B 53 18.43 -17.72 -9.40
CA ALA B 53 17.82 -16.82 -10.41
C ALA B 53 18.21 -15.36 -10.11
N ALA B 54 18.16 -14.97 -8.85
CA ALA B 54 18.48 -13.57 -8.50
C ALA B 54 19.98 -13.23 -8.81
N LYS B 55 20.87 -14.12 -8.38
CA LYS B 55 22.28 -14.00 -8.67
C LYS B 55 22.62 -13.86 -10.16
N ARG B 56 21.88 -14.46 -11.09
N ARG B 56 21.82 -14.48 -11.03
CA ARG B 56 22.36 -14.39 -12.48
CA ARG B 56 22.13 -14.50 -12.46
C ARG B 56 21.90 -13.17 -13.29
C ARG B 56 22.12 -13.12 -13.11
N VAL B 57 21.26 -12.21 -12.61
CA VAL B 57 21.06 -10.86 -13.19
C VAL B 57 22.41 -10.05 -13.08
N PRO B 58 22.92 -9.52 -14.22
CA PRO B 58 24.22 -8.81 -14.19
C PRO B 58 24.20 -7.65 -13.22
N GLY B 59 25.23 -7.55 -12.40
CA GLY B 59 25.28 -6.46 -11.42
C GLY B 59 24.41 -6.66 -10.20
N SER B 60 23.83 -7.85 -10.02
CA SER B 60 22.93 -8.12 -8.87
C SER B 60 23.63 -8.09 -7.55
N VAL B 61 22.96 -7.55 -6.53
CA VAL B 61 23.29 -7.89 -5.17
C VAL B 61 21.99 -8.50 -4.57
N VAL B 62 22.16 -9.60 -3.86
CA VAL B 62 21.02 -10.40 -3.44
C VAL B 62 20.65 -10.14 -1.98
N VAL B 63 19.39 -9.69 -1.77
CA VAL B 63 18.80 -9.56 -0.44
C VAL B 63 17.85 -10.70 -0.20
N VAL B 64 18.11 -11.47 0.86
CA VAL B 64 17.23 -12.52 1.30
C VAL B 64 16.65 -12.07 2.62
N SER B 65 15.34 -11.93 2.70
CA SER B 65 14.78 -11.52 3.95
C SER B 65 14.38 -12.80 4.64
N ILE B 66 14.45 -12.79 5.97
CA ILE B 66 14.04 -13.94 6.79
C ILE B 66 13.18 -13.39 7.90
N PHE B 67 11.92 -13.76 7.90
CA PHE B 67 10.97 -13.14 8.81
C PHE B 67 9.68 -13.94 8.82
N VAL B 68 9.35 -14.42 10.01
CA VAL B 68 8.18 -15.24 10.23
C VAL B 68 7.05 -14.28 10.51
N ASN B 69 6.13 -14.23 9.55
CA ASN B 69 5.08 -13.23 9.53
C ASN B 69 3.87 -13.72 10.32
N PRO B 70 3.56 -13.08 11.50
CA PRO B 70 2.38 -13.53 12.28
C PRO B 70 0.98 -13.25 11.66
N MET B 71 0.84 -12.21 10.80
CA MET B 71 -0.47 -11.88 10.12
C MET B 71 -0.86 -12.88 8.98
N GLN B 72 0.14 -13.65 8.51
CA GLN B 72 -0.07 -14.78 7.58
C GLN B 72 -0.06 -16.12 8.30
N ARG B 84 12.24 -22.48 12.74
CA ARG B 84 13.33 -21.66 12.20
C ARG B 84 14.74 -22.16 12.61
N THR B 85 15.67 -22.26 11.63
CA THR B 85 17.12 -22.56 11.90
C THR B 85 18.11 -21.40 11.56
N PRO B 86 18.27 -20.39 12.48
CA PRO B 86 19.04 -19.17 12.12
C PRO B 86 20.42 -19.39 11.44
N ASP B 87 21.37 -19.96 12.17
CA ASP B 87 22.77 -20.09 11.71
C ASP B 87 22.94 -21.06 10.54
N ASP B 88 22.03 -22.03 10.49
CA ASP B 88 21.95 -22.88 9.32
C ASP B 88 21.47 -22.11 8.05
N ASP B 89 20.33 -21.44 8.15
CA ASP B 89 19.82 -20.62 7.06
C ASP B 89 20.95 -19.71 6.56
N LEU B 90 21.59 -19.01 7.49
CA LEU B 90 22.69 -18.09 7.19
C LEU B 90 23.90 -18.74 6.52
N ALA B 91 24.24 -19.98 6.90
CA ALA B 91 25.33 -20.70 6.24
C ALA B 91 24.99 -21.12 4.81
N GLN B 92 23.74 -21.52 4.58
CA GLN B 92 23.25 -21.71 3.20
C GLN B 92 23.38 -20.45 2.33
N LEU B 93 23.09 -19.28 2.90
CA LEU B 93 23.16 -18.04 2.12
C LEU B 93 24.63 -17.70 1.82
N ARG B 94 25.47 -17.80 2.85
CA ARG B 94 26.95 -17.72 2.75
C ARG B 94 27.49 -18.64 1.67
N ALA B 95 27.09 -19.91 1.71
CA ALA B 95 27.51 -20.84 0.67
C ALA B 95 27.00 -20.50 -0.74
N GLU B 96 25.89 -19.75 -0.87
CA GLU B 96 25.39 -19.33 -2.20
C GLU B 96 26.00 -18.01 -2.69
N GLY B 97 26.79 -17.40 -1.82
CA GLY B 97 27.37 -16.08 -2.11
C GLY B 97 26.39 -14.92 -2.06
N VAL B 98 25.33 -15.04 -1.25
CA VAL B 98 24.40 -13.95 -1.01
C VAL B 98 25.11 -12.91 -0.17
N GLU B 99 24.94 -11.64 -0.50
CA GLU B 99 25.64 -10.55 0.22
C GLU B 99 24.85 -9.87 1.34
N ILE B 100 23.51 -9.94 1.31
CA ILE B 100 22.68 -9.33 2.36
C ILE B 100 21.57 -10.29 2.83
N ALA B 101 21.48 -10.52 4.13
CA ALA B 101 20.34 -11.15 4.75
C ALA B 101 19.68 -10.06 5.60
N PHE B 102 18.35 -10.01 5.59
CA PHE B 102 17.61 -9.02 6.34
C PHE B 102 16.77 -9.79 7.30
N THR B 103 17.08 -9.65 8.57
CA THR B 103 16.50 -10.52 9.58
C THR B 103 15.78 -9.74 10.69
N PRO B 104 14.68 -9.01 10.38
CA PRO B 104 14.08 -8.07 11.38
C PRO B 104 13.31 -8.81 12.50
N THR B 105 13.05 -8.12 13.62
CA THR B 105 12.14 -8.63 14.63
C THR B 105 10.68 -8.30 14.29
N THR B 106 9.76 -8.97 14.97
CA THR B 106 8.35 -8.65 14.89
C THR B 106 8.09 -7.19 15.33
N ALA B 107 8.85 -6.73 16.33
CA ALA B 107 8.65 -5.36 16.84
C ALA B 107 9.22 -4.32 15.84
N ALA B 108 10.32 -4.67 15.15
CA ALA B 108 10.85 -3.78 14.14
C ALA B 108 9.88 -3.63 12.92
N MET B 109 9.24 -4.73 12.53
CA MET B 109 8.31 -4.79 11.42
C MET B 109 6.94 -4.24 11.77
N TYR B 110 6.47 -4.47 13.02
CA TYR B 110 5.15 -4.02 13.41
C TYR B 110 5.19 -3.05 14.63
N PRO B 111 5.99 -1.97 14.56
CA PRO B 111 6.21 -1.20 15.77
C PRO B 111 4.97 -0.50 16.28
N ASP B 112 3.91 -0.43 15.49
CA ASP B 112 2.66 0.15 16.00
C ASP B 112 1.56 -0.87 15.89
N GLY B 113 1.89 -2.15 16.09
CA GLY B 113 0.86 -3.18 15.94
C GLY B 113 0.38 -3.28 14.50
N LEU B 114 -0.74 -3.99 14.35
CA LEU B 114 -1.48 -4.05 13.11
C LEU B 114 -2.35 -2.81 13.00
N ARG B 115 -1.99 -1.89 12.12
CA ARG B 115 -2.78 -0.70 12.02
C ARG B 115 -3.22 -0.53 10.54
N THR B 116 -2.46 0.14 9.67
CA THR B 116 -2.80 0.13 8.26
C THR B 116 -2.41 -1.21 7.63
N THR B 117 -3.30 -1.83 6.84
CA THR B 117 -2.92 -3.09 6.21
C THR B 117 -3.40 -3.10 4.71
N VAL B 118 -2.97 -4.11 3.95
CA VAL B 118 -3.41 -4.25 2.59
C VAL B 118 -4.65 -5.16 2.65
N GLN B 119 -5.69 -4.73 1.94
CA GLN B 119 -6.82 -5.56 1.69
C GLN B 119 -6.76 -6.08 0.23
N PRO B 120 -6.56 -7.39 0.05
CA PRO B 120 -6.46 -8.01 -1.26
C PRO B 120 -7.80 -7.93 -1.94
N GLY B 121 -7.82 -8.02 -3.26
CA GLY B 121 -9.09 -8.21 -4.02
C GLY B 121 -9.74 -9.57 -3.75
N PRO B 122 -10.87 -9.87 -4.40
CA PRO B 122 -11.73 -11.10 -4.15
C PRO B 122 -11.02 -12.45 -4.35
N LEU B 123 -9.93 -12.50 -5.11
CA LEU B 123 -9.21 -13.75 -5.27
C LEU B 123 -8.68 -14.27 -3.94
N ALA B 124 -8.40 -13.37 -2.99
CA ALA B 124 -7.91 -13.81 -1.69
C ALA B 124 -8.93 -14.60 -0.87
N ALA B 125 -10.20 -14.62 -1.29
CA ALA B 125 -11.19 -15.39 -0.57
C ALA B 125 -11.38 -16.79 -1.13
N GLU B 126 -10.76 -17.09 -2.26
CA GLU B 126 -10.99 -18.38 -2.90
C GLU B 126 -9.83 -19.31 -2.61
N LEU B 127 -9.98 -20.58 -2.99
CA LEU B 127 -8.87 -21.56 -2.97
C LEU B 127 -8.21 -21.56 -1.58
N GLU B 128 -6.94 -21.16 -1.46
CA GLU B 128 -6.32 -21.15 -0.14
C GLU B 128 -7.04 -20.26 0.86
N GLY B 129 -7.75 -19.24 0.37
CA GLY B 129 -8.44 -18.28 1.25
C GLY B 129 -9.73 -18.83 1.84
N GLY B 130 -10.15 -20.00 1.41
CA GLY B 130 -11.27 -20.75 2.03
C GLY B 130 -11.04 -21.12 3.50
N PRO B 131 -10.07 -22.02 3.80
CA PRO B 131 -9.66 -22.27 5.22
C PRO B 131 -8.92 -21.12 5.93
N ARG B 132 -8.18 -20.27 5.19
CA ARG B 132 -7.46 -19.14 5.81
C ARG B 132 -7.88 -17.77 5.22
N PRO B 133 -9.09 -17.26 5.56
CA PRO B 133 -9.62 -16.02 4.97
C PRO B 133 -8.82 -14.69 5.17
N THR B 134 -7.86 -14.69 6.09
CA THR B 134 -7.07 -13.46 6.30
C THR B 134 -5.61 -13.68 5.93
N HIS B 135 -5.26 -14.90 5.54
CA HIS B 135 -3.88 -15.24 5.24
C HIS B 135 -3.27 -14.25 4.24
N PHE B 136 -3.97 -14.00 3.12
CA PHE B 136 -3.31 -13.27 2.06
C PHE B 136 -3.13 -11.75 2.35
N ALA B 137 -4.06 -11.18 3.12
CA ALA B 137 -3.92 -9.80 3.67
C ALA B 137 -2.59 -9.68 4.40
N GLY B 138 -2.30 -10.66 5.25
CA GLY B 138 -1.02 -10.71 5.96
C GLY B 138 0.20 -10.77 5.03
N VAL B 139 0.19 -11.71 4.09
CA VAL B 139 1.25 -11.81 3.10
C VAL B 139 1.41 -10.51 2.26
N LEU B 140 0.33 -9.99 1.68
CA LEU B 140 0.46 -8.72 0.91
C LEU B 140 0.99 -7.56 1.76
N THR B 141 0.61 -7.51 3.02
CA THR B 141 1.03 -6.43 3.88
C THR B 141 2.50 -6.56 4.08
N VAL B 142 2.96 -7.79 4.36
N VAL B 142 3.01 -7.76 4.37
CA VAL B 142 4.38 -7.97 4.67
CA VAL B 142 4.46 -7.82 4.64
C VAL B 142 5.26 -7.75 3.44
C VAL B 142 5.28 -7.65 3.39
N VAL B 143 4.78 -8.18 2.28
CA VAL B 143 5.49 -7.99 1.00
C VAL B 143 5.55 -6.51 0.60
N LEU B 144 4.42 -5.82 0.72
CA LEU B 144 4.43 -4.39 0.46
C LEU B 144 5.53 -3.74 1.32
N LYS B 145 5.53 -4.00 2.63
CA LYS B 145 6.60 -3.45 3.55
C LYS B 145 8.03 -3.79 3.14
N LEU B 146 8.27 -5.03 2.74
CA LEU B 146 9.63 -5.44 2.34
C LEU B 146 10.03 -4.70 1.09
N LEU B 147 9.06 -4.50 0.19
CA LEU B 147 9.35 -3.76 -1.07
C LEU B 147 9.75 -2.34 -0.79
N GLN B 148 9.10 -1.74 0.20
CA GLN B 148 9.37 -0.30 0.50
C GLN B 148 10.66 -0.14 1.28
N ILE B 149 10.96 -1.13 2.15
CA ILE B 149 12.19 -1.17 2.90
C ILE B 149 13.37 -1.35 1.97
N VAL B 150 13.34 -2.35 1.09
CA VAL B 150 14.52 -2.74 0.33
C VAL B 150 14.55 -2.02 -1.01
N ARG B 151 13.40 -1.59 -1.53
CA ARG B 151 13.26 -1.06 -2.89
C ARG B 151 14.06 -1.91 -3.93
N PRO B 152 13.69 -3.16 -4.13
CA PRO B 152 14.43 -3.94 -5.10
C PRO B 152 14.10 -3.62 -6.55
N ASP B 153 15.01 -3.89 -7.49
CA ASP B 153 14.61 -3.85 -8.88
C ASP B 153 13.71 -5.04 -9.24
N ARG B 154 14.01 -6.22 -8.67
CA ARG B 154 13.23 -7.42 -8.94
C ARG B 154 12.99 -8.18 -7.62
N VAL B 155 11.82 -8.82 -7.52
CA VAL B 155 11.46 -9.58 -6.37
C VAL B 155 11.10 -10.99 -6.87
N PHE B 156 11.55 -12.01 -6.18
CA PHE B 156 11.47 -13.41 -6.68
C PHE B 156 10.56 -14.22 -5.79
N PHE B 157 9.64 -14.97 -6.39
CA PHE B 157 8.77 -15.83 -5.63
C PHE B 157 8.66 -17.14 -6.37
N GLY B 158 8.52 -18.24 -5.64
CA GLY B 158 8.24 -19.53 -6.23
C GLY B 158 6.81 -19.69 -6.73
N GLU B 159 6.71 -20.43 -7.82
CA GLU B 159 5.43 -20.86 -8.40
C GLU B 159 4.68 -21.86 -7.57
N LYS B 160 5.36 -22.53 -6.64
CA LYS B 160 4.59 -23.50 -5.80
C LYS B 160 3.41 -22.79 -5.12
N ASP B 161 3.62 -21.59 -4.59
CA ASP B 161 2.50 -20.83 -4.04
C ASP B 161 1.96 -19.93 -5.13
N TYR B 162 1.41 -20.57 -6.16
CA TYR B 162 0.91 -19.88 -7.31
C TYR B 162 -0.12 -18.76 -6.98
N GLN B 163 -1.09 -19.04 -6.13
CA GLN B 163 -2.15 -18.07 -5.85
C GLN B 163 -1.58 -16.83 -5.16
N GLN B 164 -0.66 -17.08 -4.24
CA GLN B 164 0.13 -16.06 -3.65
C GLN B 164 0.85 -15.21 -4.70
N LEU B 165 1.54 -15.84 -5.62
CA LEU B 165 2.25 -15.13 -6.67
C LEU B 165 1.29 -14.24 -7.49
N VAL B 166 0.14 -14.77 -7.86
CA VAL B 166 -0.89 -13.99 -8.61
C VAL B 166 -1.38 -12.76 -7.82
N LEU B 167 -1.57 -12.96 -6.51
CA LEU B 167 -1.99 -11.92 -5.64
C LEU B 167 -0.92 -10.83 -5.54
N ILE B 168 0.35 -11.24 -5.46
N ILE B 168 0.36 -11.23 -5.46
CA ILE B 168 1.48 -10.30 -5.46
CA ILE B 168 1.49 -10.28 -5.45
C ILE B 168 1.50 -9.50 -6.76
C ILE B 168 1.60 -9.50 -6.78
N ARG B 169 1.31 -10.14 -7.91
CA ARG B 169 1.32 -9.33 -9.12
CA ARG B 169 1.25 -9.41 -9.19
C ARG B 169 0.15 -8.33 -9.17
N GLN B 170 -1.01 -8.67 -8.55
CA GLN B 170 -2.13 -7.73 -8.42
C GLN B 170 -1.77 -6.56 -7.49
N LEU B 171 -1.17 -6.88 -6.35
CA LEU B 171 -0.62 -5.84 -5.46
C LEU B 171 0.23 -4.88 -6.26
N VAL B 172 1.25 -5.38 -6.98
CA VAL B 172 2.17 -4.56 -7.74
C VAL B 172 1.53 -3.68 -8.84
N ALA B 173 0.56 -4.24 -9.56
CA ALA B 173 -0.14 -3.52 -10.61
C ALA B 173 -1.07 -2.49 -9.94
N ASP B 174 -1.81 -2.94 -8.96
CA ASP B 174 -2.81 -2.10 -8.37
C ASP B 174 -2.28 -0.86 -7.62
N PHE B 175 -1.11 -1.00 -6.97
CA PHE B 175 -0.53 0.08 -6.21
C PHE B 175 0.60 0.75 -7.00
N ASN B 176 0.73 0.43 -8.29
CA ASN B 176 1.69 1.10 -9.22
C ASN B 176 3.14 0.94 -8.72
N LEU B 177 3.41 -0.21 -8.09
CA LEU B 177 4.75 -0.47 -7.55
C LEU B 177 5.75 -0.65 -8.69
N ASP B 178 6.90 -0.04 -8.51
CA ASP B 178 7.89 -0.07 -9.57
C ASP B 178 8.90 -1.20 -9.32
N VAL B 179 8.51 -2.44 -9.49
CA VAL B 179 9.39 -3.57 -9.27
C VAL B 179 8.92 -4.63 -10.27
N ALA B 180 9.84 -5.42 -10.79
CA ALA B 180 9.50 -6.63 -11.59
C ALA B 180 9.32 -7.82 -10.63
N VAL B 181 8.16 -8.48 -10.74
CA VAL B 181 7.87 -9.69 -10.01
C VAL B 181 8.36 -10.87 -10.89
N VAL B 182 9.23 -11.72 -10.33
CA VAL B 182 9.73 -12.91 -11.07
C VAL B 182 9.24 -14.21 -10.38
N GLY B 183 8.56 -15.01 -11.16
CA GLY B 183 8.05 -16.27 -10.65
C GLY B 183 9.07 -17.35 -11.07
N VAL B 184 9.51 -18.17 -10.12
CA VAL B 184 10.50 -19.21 -10.44
C VAL B 184 9.80 -20.58 -10.36
N PRO B 185 9.99 -21.45 -11.36
CA PRO B 185 9.38 -22.80 -11.33
C PRO B 185 9.68 -23.59 -10.05
N THR B 186 8.69 -24.37 -9.64
CA THR B 186 8.74 -25.26 -8.51
C THR B 186 9.92 -26.23 -8.60
N VAL B 187 10.68 -26.32 -7.52
CA VAL B 187 11.74 -27.28 -7.40
C VAL B 187 11.04 -28.48 -6.74
N ARG B 188 11.24 -29.66 -7.36
CA ARG B 188 10.65 -30.93 -6.99
C ARG B 188 11.67 -31.99 -6.54
N GLU B 189 11.28 -32.87 -5.63
CA GLU B 189 12.13 -34.06 -5.34
C GLU B 189 12.13 -34.97 -6.56
N ALA B 190 12.93 -36.02 -6.52
CA ALA B 190 13.12 -36.82 -7.74
C ALA B 190 11.85 -37.51 -8.25
N ASP B 191 10.88 -37.75 -7.34
CA ASP B 191 9.67 -38.38 -7.78
C ASP B 191 8.60 -37.38 -8.15
N GLY B 192 8.90 -36.07 -8.07
CA GLY B 192 7.98 -34.98 -8.48
C GLY B 192 7.37 -34.16 -7.32
N LEU B 193 7.43 -34.66 -6.10
CA LEU B 193 6.86 -33.97 -4.98
C LEU B 193 7.44 -32.54 -4.85
N ALA B 194 6.58 -31.54 -4.83
CA ALA B 194 7.09 -30.17 -4.68
C ALA B 194 7.82 -30.01 -3.30
N MET B 195 9.04 -29.50 -3.35
CA MET B 195 9.78 -29.23 -2.09
C MET B 195 8.99 -28.25 -1.20
N SER B 196 8.99 -28.55 0.10
CA SER B 196 8.36 -27.75 1.12
C SER B 196 8.88 -28.30 2.46
N SER B 197 9.01 -27.42 3.43
CA SER B 197 9.49 -27.82 4.77
C SER B 197 8.50 -28.78 5.43
N ARG B 198 7.23 -28.71 5.00
CA ARG B 198 6.24 -29.67 5.52
C ARG B 198 6.45 -31.14 5.12
N ASN B 199 7.21 -31.39 4.07
CA ASN B 199 7.38 -32.73 3.59
C ASN B 199 8.01 -33.64 4.64
N ARG B 200 8.70 -33.01 5.60
CA ARG B 200 9.43 -33.73 6.66
C ARG B 200 8.49 -34.35 7.66
N TYR B 201 7.28 -33.80 7.77
CA TYR B 201 6.25 -34.37 8.67
C TYR B 201 5.60 -35.69 8.20
N LEU B 202 5.75 -36.04 6.92
CA LEU B 202 5.03 -37.17 6.33
C LEU B 202 5.67 -38.47 6.76
N ASP B 203 4.88 -39.39 7.29
CA ASP B 203 5.38 -40.71 7.51
C ASP B 203 5.55 -41.45 6.17
N PRO B 204 6.11 -42.66 6.19
CA PRO B 204 6.43 -43.28 4.90
C PRO B 204 5.28 -43.53 3.91
N ALA B 205 4.13 -43.98 4.45
CA ALA B 205 2.91 -44.26 3.72
C ALA B 205 2.40 -42.94 3.11
N GLN B 206 2.37 -41.91 3.91
CA GLN B 206 1.96 -40.58 3.48
C GLN B 206 2.87 -40.00 2.39
N ARG B 207 4.18 -40.17 2.58
CA ARG B 207 5.19 -39.65 1.71
C ARG B 207 5.05 -40.36 0.40
N ALA B 208 4.77 -41.66 0.45
CA ALA B 208 4.52 -42.43 -0.81
C ALA B 208 3.20 -42.00 -1.54
N ALA B 209 2.12 -41.82 -0.80
CA ALA B 209 0.82 -41.36 -1.36
C ALA B 209 0.90 -39.91 -1.91
N ALA B 210 1.73 -39.07 -1.28
CA ALA B 210 1.88 -37.60 -1.64
C ALA B 210 2.35 -37.40 -3.07
N VAL B 211 3.04 -38.39 -3.63
N VAL B 211 3.05 -38.41 -3.60
CA VAL B 211 3.46 -38.26 -5.03
CA VAL B 211 3.47 -38.41 -4.98
C VAL B 211 2.25 -38.11 -5.96
C VAL B 211 2.28 -38.19 -5.95
N ALA B 212 1.07 -38.55 -5.51
CA ALA B 212 -0.16 -38.50 -6.37
C ALA B 212 -0.46 -37.04 -6.80
N LEU B 213 -0.06 -36.04 -5.98
CA LEU B 213 -0.40 -34.68 -6.35
C LEU B 213 0.34 -34.25 -7.63
N SER B 214 1.66 -34.40 -7.65
CA SER B 214 2.40 -34.05 -8.85
C SER B 214 2.12 -34.98 -10.03
N ALA B 215 1.86 -36.26 -9.73
CA ALA B 215 1.59 -37.23 -10.76
C ALA B 215 0.25 -36.88 -11.44
N ALA B 216 -0.74 -36.45 -10.64
CA ALA B 216 -2.04 -36.09 -11.16
C ALA B 216 -1.92 -34.86 -12.03
N LEU B 217 -1.14 -33.88 -11.59
CA LEU B 217 -0.99 -32.66 -12.33
C LEU B 217 -0.28 -32.87 -13.67
N THR B 218 0.85 -33.58 -13.67
CA THR B 218 1.59 -33.88 -14.91
CA THR B 218 1.54 -33.78 -14.93
C THR B 218 0.80 -34.77 -15.85
N ALA B 219 0.06 -35.75 -15.29
CA ALA B 219 -0.84 -36.53 -16.14
C ALA B 219 -1.85 -35.57 -16.84
N ALA B 220 -2.43 -34.65 -16.09
CA ALA B 220 -3.40 -33.71 -16.67
C ALA B 220 -2.78 -32.81 -17.75
N ALA B 221 -1.58 -32.32 -17.48
CA ALA B 221 -0.92 -31.49 -18.44
C ALA B 221 -0.78 -32.20 -19.81
N HIS B 222 -0.49 -33.51 -19.82
CA HIS B 222 -0.40 -34.30 -21.05
C HIS B 222 -1.78 -34.76 -21.59
N ALA B 223 -2.74 -34.98 -20.73
CA ALA B 223 -4.06 -35.39 -21.22
C ALA B 223 -4.72 -34.20 -21.93
N ALA B 224 -4.22 -32.99 -21.66
CA ALA B 224 -4.90 -31.75 -22.07
C ALA B 224 -5.04 -31.58 -23.60
N THR B 225 -4.28 -32.34 -24.41
CA THR B 225 -4.42 -32.33 -25.90
C THR B 225 -5.78 -32.83 -26.27
N ALA B 226 -6.33 -33.67 -25.37
CA ALA B 226 -7.71 -34.13 -25.49
C ALA B 226 -8.76 -33.15 -24.83
N GLY B 227 -8.32 -31.95 -24.41
CA GLY B 227 -9.22 -30.96 -23.79
C GLY B 227 -9.24 -30.88 -22.25
N ALA B 228 -10.06 -29.96 -21.73
CA ALA B 228 -10.06 -29.61 -20.34
C ALA B 228 -10.64 -30.75 -19.48
N GLN B 229 -11.77 -31.30 -19.91
CA GLN B 229 -12.41 -32.36 -19.19
C GLN B 229 -11.54 -33.65 -19.06
N ALA B 230 -10.90 -34.09 -20.16
CA ALA B 230 -9.91 -35.19 -20.12
C ALA B 230 -8.82 -34.91 -19.11
N ALA B 231 -8.31 -33.67 -19.10
CA ALA B 231 -7.26 -33.25 -18.19
C ALA B 231 -7.70 -33.36 -16.73
N LEU B 232 -8.90 -32.87 -16.42
CA LEU B 232 -9.40 -32.92 -15.04
C LEU B 232 -9.72 -34.36 -14.65
N ASP B 233 -10.22 -35.18 -15.58
CA ASP B 233 -10.59 -36.56 -15.26
C ASP B 233 -9.29 -37.39 -15.05
N ALA B 234 -8.22 -37.06 -15.80
CA ALA B 234 -6.96 -37.77 -15.65
C ALA B 234 -6.42 -37.46 -14.24
N ALA B 235 -6.38 -36.16 -13.88
CA ALA B 235 -5.93 -35.78 -12.53
C ALA B 235 -6.71 -36.42 -11.41
N ARG B 236 -8.04 -36.44 -11.54
N ARG B 236 -8.05 -36.41 -11.54
CA ARG B 236 -8.91 -37.05 -10.52
CA ARG B 236 -8.94 -37.03 -10.54
C ARG B 236 -8.67 -38.55 -10.42
C ARG B 236 -8.71 -38.54 -10.43
N ALA B 237 -8.42 -39.23 -11.54
CA ALA B 237 -8.18 -40.68 -11.50
C ALA B 237 -6.91 -40.97 -10.65
N VAL B 238 -5.86 -40.21 -10.89
CA VAL B 238 -4.61 -40.39 -10.16
C VAL B 238 -4.78 -40.12 -8.64
N LEU B 239 -5.45 -39.01 -8.30
CA LEU B 239 -5.79 -38.76 -6.91
C LEU B 239 -6.62 -39.86 -6.29
N ASP B 240 -7.60 -40.38 -7.04
CA ASP B 240 -8.44 -41.52 -6.64
C ASP B 240 -7.67 -42.83 -6.39
N ALA B 241 -6.50 -42.99 -7.01
CA ALA B 241 -5.66 -44.20 -6.80
C ALA B 241 -4.84 -44.08 -5.50
N ALA B 242 -4.90 -42.97 -4.78
CA ALA B 242 -4.07 -42.86 -3.57
C ALA B 242 -4.85 -43.00 -2.27
N PRO B 243 -4.29 -43.74 -1.32
CA PRO B 243 -4.88 -43.87 0.02
C PRO B 243 -4.55 -42.64 0.95
N GLY B 244 -5.47 -42.21 1.82
CA GLY B 244 -5.22 -41.17 2.82
C GLY B 244 -4.90 -39.77 2.26
N VAL B 245 -5.49 -39.41 1.11
CA VAL B 245 -5.20 -38.13 0.50
C VAL B 245 -6.54 -37.41 0.37
N ALA B 246 -6.82 -36.53 1.32
CA ALA B 246 -8.13 -35.85 1.33
C ALA B 246 -8.00 -34.58 0.47
N VAL B 247 -8.59 -34.56 -0.72
CA VAL B 247 -8.48 -33.44 -1.64
C VAL B 247 -9.41 -32.29 -1.23
N ASP B 248 -8.86 -31.10 -0.99
CA ASP B 248 -9.72 -29.97 -0.64
C ASP B 248 -10.18 -29.28 -1.91
N TYR B 249 -9.31 -29.18 -2.91
CA TYR B 249 -9.78 -28.74 -4.22
C TYR B 249 -8.86 -29.18 -5.34
N LEU B 250 -9.42 -29.23 -6.54
CA LEU B 250 -8.66 -29.47 -7.72
C LEU B 250 -9.37 -28.59 -8.76
N GLU B 251 -8.71 -27.55 -9.22
CA GLU B 251 -9.36 -26.55 -10.02
C GLU B 251 -8.45 -26.09 -11.14
N LEU B 252 -9.05 -26.02 -12.31
CA LEU B 252 -8.44 -25.49 -13.53
C LEU B 252 -8.94 -24.05 -13.70
N ARG B 253 -8.01 -23.13 -13.90
CA ARG B 253 -8.31 -21.70 -13.99
C ARG B 253 -7.47 -21.10 -15.12
N ASP B 254 -7.71 -19.82 -15.47
CA ASP B 254 -6.77 -19.15 -16.41
C ASP B 254 -5.52 -18.82 -15.64
N ILE B 255 -4.51 -18.28 -16.30
CA ILE B 255 -3.27 -18.09 -15.63
C ILE B 255 -3.34 -16.98 -14.58
N GLY B 256 -4.34 -16.11 -14.67
CA GLY B 256 -4.53 -15.06 -13.67
C GLY B 256 -5.50 -15.49 -12.58
N LEU B 257 -5.96 -16.74 -12.64
CA LEU B 257 -6.88 -17.38 -11.67
C LEU B 257 -8.36 -16.98 -11.80
N GLY B 258 -8.70 -16.41 -12.95
CA GLY B 258 -10.08 -16.26 -13.31
C GLY B 258 -10.54 -17.56 -13.91
N PRO B 259 -11.77 -17.56 -14.43
CA PRO B 259 -12.41 -18.74 -15.03
C PRO B 259 -11.59 -19.26 -16.19
N MET B 260 -11.50 -20.59 -16.32
CA MET B 260 -10.75 -21.18 -17.45
C MET B 260 -11.40 -20.80 -18.79
N PRO B 261 -10.60 -20.24 -19.75
CA PRO B 261 -11.17 -19.96 -21.08
C PRO B 261 -11.43 -21.26 -21.89
N LEU B 262 -12.29 -21.21 -22.90
CA LEU B 262 -12.56 -22.41 -23.71
C LEU B 262 -11.29 -23.12 -24.25
N ASN B 263 -10.26 -22.35 -24.64
CA ASN B 263 -8.93 -22.93 -24.87
C ASN B 263 -7.82 -21.92 -24.54
N GLY B 264 -6.56 -22.31 -24.74
CA GLY B 264 -5.45 -21.41 -24.36
C GLY B 264 -4.84 -21.83 -23.05
N SER B 265 -4.13 -20.91 -22.42
CA SER B 265 -3.29 -21.24 -21.31
C SER B 265 -4.08 -21.25 -20.04
N GLY B 266 -3.76 -22.20 -19.19
CA GLY B 266 -4.38 -22.27 -17.90
C GLY B 266 -3.45 -22.73 -16.82
N ARG B 267 -4.03 -22.95 -15.65
CA ARG B 267 -3.27 -23.40 -14.52
C ARG B 267 -4.14 -24.39 -13.77
N LEU B 268 -3.61 -25.56 -13.44
CA LEU B 268 -4.41 -26.51 -12.66
C LEU B 268 -3.79 -26.52 -11.26
N LEU B 269 -4.65 -26.39 -10.26
CA LEU B 269 -4.17 -26.32 -8.88
C LEU B 269 -4.82 -27.36 -7.97
N VAL B 270 -4.06 -27.87 -7.00
CA VAL B 270 -4.63 -28.86 -6.13
C VAL B 270 -4.15 -28.64 -4.73
N ALA B 271 -4.96 -29.02 -3.77
CA ALA B 271 -4.56 -28.97 -2.40
C ALA B 271 -5.16 -30.18 -1.69
N ALA B 272 -4.42 -30.76 -0.76
CA ALA B 272 -4.89 -31.95 -0.10
C ALA B 272 -4.33 -32.16 1.25
N ARG B 273 -5.03 -32.93 2.06
CA ARG B 273 -4.51 -33.16 3.42
C ARG B 273 -4.10 -34.60 3.60
N LEU B 274 -2.89 -34.80 4.14
CA LEU B 274 -2.41 -36.13 4.50
C LEU B 274 -2.15 -36.12 5.98
N GLY B 275 -3.04 -36.76 6.74
CA GLY B 275 -2.96 -36.75 8.23
C GLY B 275 -3.21 -35.30 8.61
N THR B 276 -2.28 -34.68 9.32
CA THR B 276 -2.41 -33.27 9.70
C THR B 276 -1.68 -32.34 8.71
N THR B 277 -1.00 -32.89 7.72
CA THR B 277 -0.15 -32.06 6.83
C THR B 277 -0.94 -31.64 5.54
N ARG B 278 -0.97 -30.36 5.24
CA ARG B 278 -1.64 -29.83 4.08
C ARG B 278 -0.60 -29.59 2.99
N LEU B 279 -0.77 -30.23 1.84
CA LEU B 279 0.12 -30.05 0.70
C LEU B 279 -0.58 -29.34 -0.43
N LEU B 280 0.19 -28.61 -1.25
CA LEU B 280 -0.31 -27.91 -2.47
C LEU B 280 0.59 -28.17 -3.67
N ASP B 281 0.03 -28.05 -4.86
CA ASP B 281 0.86 -28.11 -6.08
C ASP B 281 0.00 -27.50 -7.17
N ASN B 282 0.64 -27.19 -8.30
CA ASN B 282 -0.11 -26.57 -9.43
C ASN B 282 0.73 -26.75 -10.64
N ILE B 283 0.13 -26.64 -11.83
CA ILE B 283 0.92 -26.80 -13.05
C ILE B 283 0.32 -26.00 -14.18
N ALA B 284 1.19 -25.50 -15.08
CA ALA B 284 0.72 -24.92 -16.36
C ALA B 284 0.04 -26.01 -17.17
N ILE B 285 -1.07 -25.63 -17.78
CA ILE B 285 -1.86 -26.47 -18.65
C ILE B 285 -2.12 -25.68 -19.98
N GLU B 286 -2.04 -26.35 -21.12
CA GLU B 286 -2.40 -25.69 -22.40
C GLU B 286 -3.59 -26.46 -22.98
N ILE B 287 -4.71 -25.78 -23.15
CA ILE B 287 -5.93 -26.50 -23.56
C ILE B 287 -6.08 -26.74 -25.06
N GLY B 288 -6.05 -28.05 -25.43
CA GLY B 288 -6.02 -28.54 -26.80
C GLY B 288 -4.65 -29.12 -27.16
OAA 0JD C . -7.80 19.18 -2.85
CAJ 0JD C . -7.79 18.91 -1.66
OAB 0JD C . -8.15 19.69 -0.75
CAM 0JD C . -7.36 17.51 -1.23
OAI 0JD C . -6.66 16.81 -2.28
CAL 0JD C . -6.39 15.52 -1.92
CAF 0JD C . -6.21 14.53 -2.89
CAD 0JD C . -5.93 13.22 -2.53
CAC 0JD C . -5.81 12.96 -1.16
CAE 0JD C . -5.95 13.93 -0.19
CAK 0JD C . -6.24 15.24 -0.56
OAH 0JD C . -6.39 16.23 0.38
CAG 0JD C . -6.42 17.57 -0.10
C1 GOL D . -6.85 -1.18 -9.42
O1 GOL D . -7.77 -0.50 -10.28
C2 GOL D . -6.32 -0.36 -8.21
O2 GOL D . -6.00 0.97 -8.51
C3 GOL D . -7.29 -0.40 -7.03
O3 GOL D . -7.59 -1.74 -6.63
C1 GOL E . -9.90 -5.11 -16.44
O1 GOL E . -9.89 -5.85 -15.24
C2 GOL E . -11.35 -5.14 -16.88
O2 GOL E . -12.23 -4.81 -15.82
C3 GOL E . -11.59 -6.58 -17.31
O3 GOL E . -10.39 -7.34 -17.26
C1 EOH F . -11.53 -4.36 -1.94
C2 EOH F . -10.06 -4.58 -1.61
O EOH F . -11.99 -5.35 -2.85
C1 EDO G . -13.17 3.62 -8.77
O1 EDO G . -13.54 2.27 -9.07
C2 EDO G . -13.37 3.82 -7.28
O2 EDO G . -14.72 3.44 -7.00
OAA 0JD H . 8.96 -19.84 1.11
CAJ 0JD H . 8.91 -19.02 2.03
OAB 0JD H . 9.67 -19.03 3.05
CAM 0JD H . 7.85 -17.91 1.92
OAI 0JD H . 8.47 -16.65 2.25
CAL 0JD H . 7.76 -15.50 2.13
CAF 0JD H . 7.99 -14.40 2.96
CAD 0JD H . 7.23 -13.25 2.80
CAC 0JD H . 6.27 -13.18 1.78
CAE 0JD H . 6.09 -14.27 0.95
CAK 0JD H . 6.83 -15.44 1.12
OAH 0JD H . 6.64 -16.56 0.31
CAG 0JD H . 7.26 -17.83 0.53
C1 EOH I . 17.14 1.65 -3.50
C2 EOH I . 16.89 2.49 -4.77
O EOH I . 17.39 0.24 -3.76
C1 EDO J . 28.89 0.80 0.09
O1 EDO J . 28.46 1.28 -1.20
C2 EDO J . 27.65 0.77 0.95
O2 EDO J . 28.05 0.94 2.31
#